data_4GO1
#
_entry.id   4GO1
#
_cell.length_a   79.702
_cell.length_b   113.866
_cell.length_c   185.271
_cell.angle_alpha   90.00
_cell.angle_beta   90.00
_cell.angle_gamma   90.00
#
_symmetry.space_group_name_H-M   'I 2 2 2'
#
loop_
_entity.id
_entity.type
_entity.pdbx_description
1 polymer 'Transcriptional regulator LsrR'
2 non-polymer GLYCEROL
3 water water
#
_entity_poly.entity_id   1
_entity_poly.type   'polypeptide(L)'
_entity_poly.pdbx_seq_one_letter_code
;MTINDSAISEQGMCEEEQVARIAWFYYHDGLTQSEISDRLGLTRLKVSRLLEKGHQSGIIRVQINSRFEGCLEYETQLRR
QFSLQHVRVIPGLADADVGGRLGIGAAHMLMSLLQPQQMLAIGFGEATMNTLQRLSGFISSQQIRLVTLSGGVGSYMTGI
GQLNAACSVNIIPAPLRASSADIARTLKNENCVKDVLLAAQAADVAIVGIGAVSQQDDATIIRSGYISQGEQLMIGRKGA
VGDILGYFFDAKGDVVTNIKIHNELIGLPLSALKTIPVRVGVAGGENKAEAIAAAMKGGYINALVTDQDTAAAILRSLEH
HHHHH
;
_entity_poly.pdbx_strand_id   A,B
#
loop_
_chem_comp.id
_chem_comp.type
_chem_comp.name
_chem_comp.formula
GOL non-polymer GLYCEROL 'C3 H8 O3'
#
# COMPACT_ATOMS: atom_id res chain seq x y z
N GLU A 10 -11.91 -9.93 8.39
CA GLU A 10 -10.90 -10.65 7.57
C GLU A 10 -11.60 -11.60 6.59
N GLN A 11 -11.41 -11.35 5.29
CA GLN A 11 -12.09 -12.13 4.23
C GLN A 11 -11.29 -12.27 2.91
N GLY A 12 -10.08 -12.81 2.94
CA GLY A 12 -9.29 -13.04 4.13
C GLY A 12 -8.11 -12.10 3.92
N MET A 13 -8.29 -10.86 4.36
CA MET A 13 -7.31 -9.81 4.11
C MET A 13 -6.77 -9.28 5.42
N CYS A 14 -5.44 -9.16 5.50
CA CYS A 14 -4.81 -8.51 6.63
C CYS A 14 -5.23 -7.03 6.68
N GLU A 15 -5.07 -6.39 7.84
CA GLU A 15 -5.48 -4.99 8.06
C GLU A 15 -5.09 -4.04 6.93
N GLU A 16 -3.84 -4.13 6.52
CA GLU A 16 -3.26 -3.21 5.58
C GLU A 16 -4.10 -3.17 4.32
N GLU A 17 -4.44 -4.37 3.83
CA GLU A 17 -5.22 -4.54 2.60
C GLU A 17 -6.58 -3.91 2.77
N GLN A 18 -7.22 -4.24 3.89
CA GLN A 18 -8.50 -3.66 4.25
C GLN A 18 -8.44 -2.14 4.10
N VAL A 19 -7.47 -1.51 4.75
CA VAL A 19 -7.24 -0.07 4.65
C VAL A 19 -7.06 0.39 3.18
N ALA A 20 -6.04 -0.14 2.49
CA ALA A 20 -5.80 0.27 1.10
C ALA A 20 -7.06 0.18 0.25
N ARG A 21 -7.88 -0.84 0.52
CA ARG A 21 -9.11 -1.08 -0.23
C ARG A 21 -10.21 -0.09 0.14
N ILE A 22 -10.49 0.02 1.44
CA ILE A 22 -11.44 1.00 1.95
C ILE A 22 -11.21 2.35 1.29
N ALA A 23 -9.96 2.81 1.32
CA ALA A 23 -9.52 4.02 0.63
C ALA A 23 -10.04 4.09 -0.82
N TRP A 24 -9.50 3.24 -1.69
CA TRP A 24 -9.91 3.18 -3.10
C TRP A 24 -11.43 3.28 -3.32
N PHE A 25 -12.20 2.58 -2.50
CA PHE A 25 -13.64 2.50 -2.67
C PHE A 25 -14.31 3.84 -2.31
N TYR A 26 -13.81 4.47 -1.26
CA TYR A 26 -14.36 5.74 -0.79
C TYR A 26 -13.96 6.90 -1.70
N TYR A 27 -12.72 6.88 -2.19
CA TYR A 27 -12.20 8.00 -2.98
C TYR A 27 -12.29 7.82 -4.50
N HIS A 28 -11.55 6.83 -5.01
CA HIS A 28 -11.54 6.52 -6.45
C HIS A 28 -12.90 6.06 -7.03
N ASP A 29 -13.81 5.58 -6.18
CA ASP A 29 -15.12 5.13 -6.64
C ASP A 29 -16.27 5.86 -5.97
N GLY A 30 -15.94 6.69 -4.98
CA GLY A 30 -16.91 7.55 -4.29
C GLY A 30 -18.05 6.83 -3.58
N LEU A 31 -17.86 5.53 -3.30
CA LEU A 31 -18.87 4.70 -2.62
C LEU A 31 -19.21 5.15 -1.21
N THR A 32 -20.41 4.77 -0.78
CA THR A 32 -20.92 5.09 0.55
C THR A 32 -20.10 4.41 1.65
N GLN A 33 -19.92 5.13 2.74
CA GLN A 33 -19.29 4.62 3.96
C GLN A 33 -19.83 3.23 4.37
N SER A 34 -21.15 3.13 4.57
CA SER A 34 -21.77 1.85 4.93
C SER A 34 -21.96 0.88 3.75
N GLU A 35 -21.99 1.41 2.52
CA GLU A 35 -22.04 0.56 1.33
C GLU A 35 -20.72 -0.17 1.11
N ILE A 36 -19.62 0.47 1.50
CA ILE A 36 -18.32 -0.18 1.56
C ILE A 36 -18.40 -1.36 2.54
N SER A 37 -18.93 -1.07 3.74
CA SER A 37 -19.10 -2.04 4.81
C SER A 37 -19.43 -3.46 4.34
N ASP A 38 -20.55 -3.61 3.63
CA ASP A 38 -20.99 -4.95 3.23
C ASP A 38 -20.21 -5.50 2.04
N ARG A 39 -19.65 -4.61 1.22
CA ARG A 39 -18.89 -5.06 0.06
C ARG A 39 -17.60 -5.79 0.46
N LEU A 40 -17.02 -5.42 1.60
CA LEU A 40 -15.86 -6.13 2.12
C LEU A 40 -16.22 -6.95 3.36
N GLY A 41 -17.53 -7.00 3.64
CA GLY A 41 -18.07 -7.78 4.74
C GLY A 41 -17.43 -7.43 6.06
N LEU A 42 -17.63 -6.18 6.50
CA LEU A 42 -17.13 -5.69 7.80
C LEU A 42 -18.14 -4.73 8.44
N THR A 43 -18.11 -4.61 9.76
CA THR A 43 -18.96 -3.66 10.48
C THR A 43 -18.75 -2.20 10.03
N ARG A 44 -19.84 -1.42 10.00
CA ARG A 44 -19.77 0.01 9.62
C ARG A 44 -18.87 0.85 10.55
N LEU A 45 -18.77 0.46 11.82
CA LEU A 45 -17.83 1.11 12.73
C LEU A 45 -16.37 0.85 12.34
N LYS A 46 -16.06 -0.41 11.98
CA LYS A 46 -14.70 -0.78 11.55
C LYS A 46 -14.26 -0.03 10.29
N VAL A 47 -15.16 0.07 9.32
CA VAL A 47 -14.96 0.87 8.11
C VAL A 47 -14.52 2.28 8.50
N SER A 48 -15.28 2.89 9.41
CA SER A 48 -15.04 4.24 9.90
C SER A 48 -13.66 4.38 10.57
N ARG A 49 -13.27 3.38 11.37
CA ARG A 49 -11.96 3.32 12.01
C ARG A 49 -10.82 3.28 11.02
N LEU A 50 -10.88 2.31 10.12
CA LEU A 50 -9.76 2.02 9.24
C LEU A 50 -9.51 3.16 8.26
N LEU A 51 -10.53 3.96 8.02
CA LEU A 51 -10.39 5.11 7.14
C LEU A 51 -9.59 6.21 7.85
N GLU A 52 -9.70 6.27 9.18
CA GLU A 52 -8.95 7.20 9.99
C GLU A 52 -7.51 6.73 10.10
N LYS A 53 -7.35 5.44 10.42
CA LYS A 53 -6.03 4.81 10.56
C LYS A 53 -5.20 4.91 9.27
N GLY A 54 -5.88 4.88 8.12
CA GLY A 54 -5.24 5.13 6.83
C GLY A 54 -4.70 6.55 6.70
N HIS A 55 -5.38 7.50 7.32
CA HIS A 55 -4.94 8.89 7.31
C HIS A 55 -3.89 9.14 8.39
N GLN A 56 -4.13 8.59 9.56
CA GLN A 56 -3.22 8.80 10.68
C GLN A 56 -1.85 8.20 10.42
N SER A 57 -1.80 7.06 9.74
CA SER A 57 -0.54 6.37 9.51
C SER A 57 0.00 6.60 8.10
N GLY A 58 -0.65 7.46 7.33
CA GLY A 58 -0.13 7.87 6.03
C GLY A 58 -0.15 6.81 4.94
N ILE A 59 -1.05 5.85 5.06
CA ILE A 59 -1.39 4.98 3.94
C ILE A 59 -2.10 5.85 2.92
N ILE A 60 -3.06 6.63 3.41
CA ILE A 60 -3.75 7.57 2.58
C ILE A 60 -2.98 8.89 2.55
N ARG A 61 -2.60 9.31 1.35
CA ARG A 61 -1.91 10.57 1.17
C ARG A 61 -2.79 11.43 0.30
N VAL A 62 -3.15 12.60 0.81
CA VAL A 62 -3.92 13.56 0.05
C VAL A 62 -2.96 14.66 -0.34
N GLN A 63 -2.57 14.69 -1.60
CA GLN A 63 -1.72 15.79 -2.04
C GLN A 63 -2.58 16.91 -2.59
N ILE A 64 -2.18 18.14 -2.30
CA ILE A 64 -2.77 19.31 -2.92
C ILE A 64 -1.75 19.80 -3.92
N ASN A 65 -2.11 19.73 -5.20
CA ASN A 65 -1.16 20.06 -6.26
C ASN A 65 -1.30 21.50 -6.75
N SER A 66 -0.88 22.44 -5.91
CA SER A 66 -0.83 23.85 -6.31
C SER A 66 0.31 24.58 -5.63
N ARG A 67 0.72 25.69 -6.23
CA ARG A 67 1.68 26.58 -5.59
C ARG A 67 1.11 27.11 -4.24
N PHE A 68 -0.21 27.05 -4.06
CA PHE A 68 -0.87 27.52 -2.83
C PHE A 68 -1.15 26.42 -1.79
N GLU A 69 -0.41 25.30 -1.81
CA GLU A 69 -0.59 24.27 -0.78
C GLU A 69 -0.51 24.95 0.57
N GLY A 70 0.59 25.65 0.77
CA GLY A 70 0.84 26.38 2.01
C GLY A 70 0.75 27.86 1.79
N CYS A 71 1.23 28.62 2.76
CA CYS A 71 1.32 30.05 2.62
C CYS A 71 2.46 30.35 1.66
N LEU A 72 2.11 30.45 0.37
CA LEU A 72 3.08 30.72 -0.69
C LEU A 72 3.94 31.95 -0.40
N GLU A 73 3.32 33.07 -0.03
CA GLU A 73 4.02 34.35 0.14
C GLU A 73 5.19 34.20 1.11
N TYR A 74 4.89 33.57 2.25
CA TYR A 74 5.87 33.32 3.29
C TYR A 74 6.94 32.33 2.84
N GLU A 75 6.51 31.21 2.27
CA GLU A 75 7.44 30.20 1.75
C GLU A 75 8.52 30.81 0.90
N THR A 76 8.11 31.64 -0.06
CA THR A 76 9.04 32.20 -1.02
C THR A 76 10.03 33.18 -0.38
N GLN A 77 9.55 34.03 0.53
CA GLN A 77 10.46 34.93 1.25
C GLN A 77 11.48 34.14 2.04
N LEU A 78 11.00 33.10 2.73
CA LEU A 78 11.84 32.18 3.48
C LEU A 78 12.93 31.47 2.64
N ARG A 79 12.60 31.02 1.42
CA ARG A 79 13.62 30.41 0.55
C ARG A 79 14.70 31.43 0.28
N ARG A 80 14.25 32.64 -0.06
CA ARG A 80 15.09 33.75 -0.48
C ARG A 80 16.06 34.13 0.63
N GLN A 81 15.53 34.46 1.81
CA GLN A 81 16.34 34.95 2.92
C GLN A 81 17.29 33.92 3.51
N PHE A 82 16.87 32.66 3.49
CA PHE A 82 17.64 31.63 4.17
C PHE A 82 18.30 30.61 3.25
N SER A 83 18.11 30.76 1.95
CA SER A 83 18.64 29.82 0.96
C SER A 83 18.19 28.40 1.29
N LEU A 84 16.88 28.20 1.32
CA LEU A 84 16.33 26.90 1.66
C LEU A 84 16.08 26.08 0.41
N GLN A 85 16.47 24.81 0.46
CA GLN A 85 16.17 23.86 -0.61
C GLN A 85 14.67 23.56 -0.70
N HIS A 86 14.02 23.40 0.45
CA HIS A 86 12.57 23.15 0.52
C HIS A 86 11.95 23.86 1.73
N VAL A 87 10.68 24.25 1.61
CA VAL A 87 9.99 25.02 2.65
C VAL A 87 8.49 24.76 2.56
N ARG A 88 7.89 24.53 3.72
CA ARG A 88 6.46 24.44 3.80
C ARG A 88 6.02 25.26 4.98
N VAL A 89 5.01 26.10 4.78
CA VAL A 89 4.44 26.88 5.85
C VAL A 89 2.98 26.50 5.89
N ILE A 90 2.56 25.76 6.89
CA ILE A 90 1.18 25.25 6.94
C ILE A 90 0.19 26.33 7.36
N PRO A 91 -0.97 26.39 6.68
CA PRO A 91 -2.00 27.41 6.93
C PRO A 91 -2.48 27.40 8.37
N GLY A 92 -2.44 28.56 9.02
CA GLY A 92 -2.71 28.69 10.46
C GLY A 92 -4.06 28.20 10.97
N LEU A 93 -4.10 27.89 12.27
CA LEU A 93 -5.34 27.53 12.98
C LEU A 93 -5.31 28.00 14.43
N ALA A 94 -6.51 28.27 14.97
CA ALA A 94 -6.70 28.73 16.33
C ALA A 94 -6.74 27.56 17.33
N ASP A 95 -5.87 27.63 18.34
CA ASP A 95 -5.84 26.68 19.47
C ASP A 95 -5.52 25.22 19.08
N ALA A 96 -5.28 24.97 17.80
CA ALA A 96 -4.95 23.64 17.33
C ALA A 96 -3.67 23.10 17.98
N ASP A 97 -3.58 21.77 18.10
CA ASP A 97 -2.32 21.13 18.48
C ASP A 97 -1.31 21.34 17.36
N VAL A 98 -0.51 22.38 17.52
CA VAL A 98 0.52 22.75 16.55
C VAL A 98 1.47 21.59 16.31
N GLY A 99 1.77 20.84 17.37
CA GLY A 99 2.57 19.63 17.25
C GLY A 99 2.00 18.66 16.22
N GLY A 100 0.71 18.36 16.35
CA GLY A 100 0.04 17.43 15.45
C GLY A 100 -0.13 17.92 14.03
N ARG A 101 -0.32 19.22 13.88
CA ARG A 101 -0.48 19.86 12.59
C ARG A 101 0.83 19.96 11.83
N LEU A 102 1.90 20.29 12.54
CA LEU A 102 3.24 20.25 11.96
C LEU A 102 3.57 18.84 11.49
N GLY A 103 3.07 17.85 12.24
CA GLY A 103 3.14 16.44 11.88
C GLY A 103 2.73 16.15 10.44
N ILE A 104 1.45 16.35 10.14
CA ILE A 104 0.93 16.09 8.79
C ILE A 104 1.79 16.78 7.75
N GLY A 105 1.98 18.08 7.91
CA GLY A 105 2.79 18.86 6.98
C GLY A 105 4.11 18.20 6.69
N ALA A 106 4.93 18.07 7.75
CA ALA A 106 6.25 17.46 7.61
C ALA A 106 6.23 16.06 6.96
N ALA A 107 5.27 15.22 7.32
CA ALA A 107 5.14 13.91 6.68
C ALA A 107 4.92 14.06 5.17
N HIS A 108 3.98 14.93 4.80
CA HIS A 108 3.64 15.14 3.39
C HIS A 108 4.78 15.69 2.56
N MET A 109 5.61 16.55 3.16
CA MET A 109 6.77 17.04 2.46
C MET A 109 7.79 15.94 2.22
N LEU A 110 8.10 15.15 3.25
CA LEU A 110 9.06 14.05 3.13
C LEU A 110 8.65 12.99 2.11
N MET A 111 7.35 12.73 2.03
CA MET A 111 6.80 11.85 1.00
C MET A 111 7.21 12.36 -0.39
N SER A 112 7.36 13.68 -0.53
CA SER A 112 7.75 14.26 -1.81
C SER A 112 9.27 14.29 -2.03
N LEU A 113 10.04 13.95 -1.01
CA LEU A 113 11.48 14.15 -1.06
C LEU A 113 12.25 12.86 -1.07
N LEU A 114 11.67 11.84 -0.45
CA LEU A 114 12.36 10.58 -0.27
C LEU A 114 12.19 9.69 -1.48
N GLN A 115 13.31 9.29 -2.06
CA GLN A 115 13.32 8.29 -3.12
C GLN A 115 13.21 6.90 -2.46
N PRO A 116 12.71 5.90 -3.21
CA PRO A 116 12.54 4.52 -2.68
C PRO A 116 13.85 3.99 -2.11
N GLN A 117 13.78 3.39 -0.92
CA GLN A 117 14.95 2.78 -0.25
C GLN A 117 16.05 3.76 0.23
N GLN A 118 15.76 5.06 0.28
CA GLN A 118 16.69 6.03 0.83
C GLN A 118 16.70 5.98 2.36
N MET A 119 17.67 6.67 2.97
CA MET A 119 17.84 6.62 4.41
C MET A 119 17.49 7.93 5.11
N LEU A 120 16.57 7.84 6.08
CA LEU A 120 16.11 9.00 6.84
C LEU A 120 16.63 8.95 8.27
N ALA A 121 17.44 9.94 8.64
CA ALA A 121 17.89 10.09 10.02
C ALA A 121 16.85 10.87 10.81
N ILE A 122 16.70 10.55 12.08
CA ILE A 122 15.61 11.09 12.88
C ILE A 122 16.08 11.50 14.29
N GLY A 123 15.59 12.66 14.72
CA GLY A 123 15.77 13.15 16.07
C GLY A 123 14.62 12.74 16.95
N PHE A 124 14.70 13.10 18.22
CA PHE A 124 13.67 12.80 19.19
C PHE A 124 12.71 13.96 19.29
N GLY A 125 11.66 13.83 20.10
CA GLY A 125 10.77 14.95 20.36
C GLY A 125 9.41 14.84 19.73
N GLU A 126 8.45 15.56 20.30
CA GLU A 126 7.03 15.47 19.90
C GLU A 126 6.77 15.63 18.41
N ALA A 127 7.43 16.61 17.78
CA ALA A 127 7.13 16.92 16.38
C ALA A 127 7.64 15.82 15.46
N THR A 128 8.86 15.37 15.71
CA THR A 128 9.52 14.40 14.87
C THR A 128 8.80 13.06 14.97
N MET A 129 8.54 12.63 16.20
CA MET A 129 7.80 11.40 16.48
C MET A 129 6.44 11.47 15.81
N ASN A 130 5.86 12.65 15.87
CA ASN A 130 4.56 12.95 15.31
C ASN A 130 4.55 12.79 13.81
N THR A 131 5.59 13.28 13.17
CA THR A 131 5.79 13.19 11.73
C THR A 131 6.02 11.81 11.26
N LEU A 132 6.65 11.02 12.09
CA LEU A 132 6.98 9.62 11.77
C LEU A 132 5.75 8.75 11.84
N GLN A 133 4.90 9.06 12.81
CA GLN A 133 3.59 8.43 12.91
C GLN A 133 2.82 8.64 11.61
N ARG A 134 2.83 9.86 11.10
CA ARG A 134 2.07 10.14 9.87
C ARG A 134 2.80 9.67 8.60
N LEU A 135 3.96 9.03 8.76
CA LEU A 135 4.78 8.60 7.63
C LEU A 135 4.96 7.07 7.57
N SER A 136 4.40 6.34 8.54
CA SER A 136 4.55 4.88 8.58
C SER A 136 4.15 4.17 7.28
N GLY A 137 2.97 4.51 6.76
CA GLY A 137 2.53 3.99 5.47
C GLY A 137 3.62 4.10 4.43
N PHE A 138 4.12 5.31 4.22
CA PHE A 138 5.16 5.58 3.22
C PHE A 138 6.47 4.86 3.54
N ILE A 139 6.92 4.95 4.79
CA ILE A 139 8.19 4.32 5.19
C ILE A 139 8.30 2.87 4.73
N SER A 140 7.34 2.04 5.11
CA SER A 140 7.32 0.62 4.69
C SER A 140 6.96 0.46 3.22
N SER A 141 6.00 1.24 2.75
CA SER A 141 5.62 1.20 1.35
C SER A 141 6.83 1.44 0.43
N GLN A 142 7.80 2.24 0.85
CA GLN A 142 8.95 2.58 0.00
C GLN A 142 10.27 2.10 0.57
N GLN A 143 10.19 1.29 1.62
CA GLN A 143 11.35 0.66 2.23
C GLN A 143 12.37 1.68 2.66
N ILE A 144 11.88 2.73 3.32
CA ILE A 144 12.76 3.77 3.82
C ILE A 144 13.46 3.19 5.02
N ARG A 145 14.73 3.50 5.13
CA ARG A 145 15.54 3.01 6.22
C ARG A 145 15.72 4.12 7.25
N LEU A 146 15.37 3.84 8.50
CA LEU A 146 15.50 4.82 9.57
C LEU A 146 16.77 4.63 10.41
N VAL A 147 17.36 5.74 10.85
CA VAL A 147 18.48 5.71 11.78
C VAL A 147 18.24 6.78 12.81
N THR A 148 18.41 6.45 14.08
CA THR A 148 18.37 7.48 15.12
C THR A 148 19.62 8.36 15.05
N LEU A 149 19.39 9.67 15.10
CA LEU A 149 20.47 10.64 15.16
C LEU A 149 21.12 10.67 16.54
N SER A 150 20.35 10.37 17.58
CA SER A 150 20.82 10.50 18.94
C SER A 150 20.58 9.24 19.74
N GLY A 151 21.17 9.17 20.92
CA GLY A 151 20.89 8.08 21.85
C GLY A 151 19.48 8.25 22.35
N GLY A 152 19.09 7.37 23.26
CA GLY A 152 17.79 7.50 23.91
C GLY A 152 17.09 6.17 23.89
N VAL A 153 17.06 5.56 22.70
CA VAL A 153 16.44 4.26 22.49
C VAL A 153 14.94 4.21 22.74
N GLY A 154 14.51 4.50 23.97
CA GLY A 154 13.11 4.31 24.36
C GLY A 154 12.26 5.52 23.97
N SER A 155 12.90 6.66 23.85
CA SER A 155 12.22 7.91 23.48
C SER A 155 11.80 7.97 22.00
N TYR A 156 12.42 7.13 21.17
CA TYR A 156 12.03 7.00 19.76
C TYR A 156 10.88 6.02 19.56
N MET A 157 10.53 5.29 20.62
CA MET A 157 9.54 4.21 20.54
C MET A 157 8.12 4.62 20.11
N THR A 158 7.76 5.88 20.32
CA THR A 158 6.43 6.36 19.89
C THR A 158 6.32 6.60 18.37
N GLY A 159 7.46 6.63 17.69
CA GLY A 159 7.47 6.77 16.23
C GLY A 159 7.79 5.50 15.50
N ILE A 160 8.62 4.65 16.11
CA ILE A 160 9.06 3.40 15.46
C ILE A 160 8.26 2.17 15.93
N GLY A 161 7.37 2.38 16.88
CA GLY A 161 6.48 1.32 17.34
C GLY A 161 5.35 1.09 16.35
N GLN A 162 5.19 2.05 15.44
CA GLN A 162 4.15 2.01 14.42
C GLN A 162 4.46 1.03 13.29
N LEU A 163 5.74 0.89 12.97
CA LEU A 163 6.16 0.20 11.75
C LEU A 163 5.96 -1.32 11.79
N ASN A 164 6.05 -1.93 10.60
CA ASN A 164 6.18 -3.38 10.47
C ASN A 164 7.55 -3.88 10.88
N ALA A 165 7.62 -5.11 11.36
CA ALA A 165 8.91 -5.76 11.63
C ALA A 165 9.83 -5.58 10.42
N ALA A 166 9.23 -5.61 9.23
CA ALA A 166 9.93 -5.55 7.93
C ALA A 166 10.84 -4.33 7.69
N CYS A 167 10.56 -3.19 8.35
CA CYS A 167 11.35 -1.96 8.17
C CYS A 167 12.68 -2.00 8.89
N SER A 168 13.76 -1.62 8.19
CA SER A 168 15.07 -1.36 8.84
C SER A 168 15.04 -0.10 9.71
N VAL A 169 15.07 -0.32 11.03
CA VAL A 169 15.25 0.78 11.96
C VAL A 169 16.54 0.52 12.75
N ASN A 170 17.51 1.40 12.54
CA ASN A 170 18.85 1.25 13.06
C ASN A 170 19.12 2.20 14.26
N ILE A 171 18.97 1.67 15.47
CA ILE A 171 19.00 2.48 16.70
C ILE A 171 20.39 2.58 17.29
N ILE A 172 20.73 3.76 17.81
CA ILE A 172 21.97 3.93 18.58
C ILE A 172 21.76 3.33 19.95
N PRO A 173 22.51 2.27 20.28
CA PRO A 173 22.25 1.55 21.51
C PRO A 173 22.89 2.20 22.73
N ALA A 174 22.36 3.36 23.12
CA ALA A 174 22.87 4.12 24.26
C ALA A 174 21.77 5.05 24.75
N PRO A 175 21.89 5.58 25.97
CA PRO A 175 20.89 6.58 26.37
C PRO A 175 21.20 7.89 25.70
N LEU A 176 20.29 8.86 25.81
CA LEU A 176 20.40 10.17 25.14
C LEU A 176 21.61 10.96 25.62
N ARG A 177 21.88 10.85 26.92
CA ARG A 177 22.91 11.60 27.62
C ARG A 177 23.52 10.72 28.70
N ALA A 178 24.84 10.62 28.71
CA ALA A 178 25.53 9.90 29.76
C ALA A 178 25.61 10.80 31.00
N SER A 179 25.95 10.21 32.14
CA SER A 179 25.97 10.96 33.41
C SER A 179 27.22 11.83 33.61
N SER A 180 28.27 11.55 32.83
CA SER A 180 29.51 12.32 32.84
C SER A 180 30.09 12.32 31.44
N ALA A 181 31.00 13.25 31.17
CA ALA A 181 31.55 13.40 29.83
C ALA A 181 32.47 12.25 29.43
N ASP A 182 33.12 11.62 30.40
CA ASP A 182 34.04 10.52 30.08
C ASP A 182 33.28 9.27 29.69
N ILE A 183 32.19 9.03 30.40
CA ILE A 183 31.32 7.90 30.12
C ILE A 183 30.81 8.01 28.70
N ALA A 184 30.31 9.20 28.35
CA ALA A 184 29.85 9.51 26.98
C ALA A 184 30.92 9.29 25.93
N ARG A 185 32.18 9.61 26.24
CA ARG A 185 33.26 9.38 25.29
C ARG A 185 33.51 7.89 25.14
N THR A 186 33.53 7.20 26.28
CA THR A 186 33.69 5.74 26.34
C THR A 186 32.67 5.05 25.43
N LEU A 187 31.42 5.46 25.58
CA LEU A 187 30.32 4.92 24.80
C LEU A 187 30.47 5.17 23.33
N LYS A 188 30.81 6.40 22.96
CA LYS A 188 31.00 6.76 21.56
C LYS A 188 32.03 5.89 20.84
N ASN A 189 32.86 5.17 21.60
CA ASN A 189 33.88 4.27 21.04
C ASN A 189 33.55 2.80 21.11
N GLU A 190 32.44 2.45 21.74
CA GLU A 190 31.97 1.09 21.65
C GLU A 190 31.58 0.86 20.20
N ASN A 191 32.19 -0.15 19.58
CA ASN A 191 31.95 -0.49 18.17
C ASN A 191 30.49 -0.33 17.77
N CYS A 192 29.60 -0.84 18.59
CA CYS A 192 28.19 -0.73 18.34
C CYS A 192 27.69 0.68 18.10
N VAL A 193 28.02 1.59 19.02
CA VAL A 193 27.56 2.97 18.96
C VAL A 193 28.24 3.66 17.79
N LYS A 194 29.54 3.42 17.66
CA LYS A 194 30.37 3.92 16.56
C LYS A 194 29.73 3.62 15.20
N ASP A 195 29.28 2.37 15.04
CA ASP A 195 28.68 1.87 13.81
C ASP A 195 27.44 2.68 13.43
N VAL A 196 26.48 2.77 14.34
CA VAL A 196 25.23 3.48 14.06
C VAL A 196 25.46 4.99 13.90
N LEU A 197 26.45 5.51 14.61
CA LEU A 197 26.87 6.90 14.48
C LEU A 197 27.26 7.25 13.04
N LEU A 198 28.11 6.40 12.43
CA LEU A 198 28.50 6.57 11.03
C LEU A 198 27.32 6.34 10.12
N ALA A 199 26.51 5.33 10.44
CA ALA A 199 25.30 5.08 9.67
C ALA A 199 24.51 6.35 9.56
N ALA A 200 24.27 6.99 10.71
CA ALA A 200 23.45 8.22 10.80
C ALA A 200 23.97 9.35 9.93
N GLN A 201 25.27 9.61 10.04
CA GLN A 201 25.92 10.64 9.24
C GLN A 201 25.71 10.44 7.74
N ALA A 202 25.65 9.18 7.32
CA ALA A 202 25.60 8.84 5.91
C ALA A 202 24.24 8.98 5.27
N ALA A 203 23.23 9.41 6.01
CA ALA A 203 21.84 9.39 5.50
C ALA A 203 21.60 10.39 4.37
N ASP A 204 20.41 10.28 3.79
CA ASP A 204 20.04 11.03 2.62
C ASP A 204 19.25 12.27 2.98
N VAL A 205 18.48 12.15 4.06
CA VAL A 205 17.56 13.19 4.51
C VAL A 205 17.45 13.07 6.02
N ALA A 206 17.55 14.20 6.71
CA ALA A 206 17.35 14.22 8.17
C ALA A 206 16.08 14.98 8.53
N ILE A 207 15.38 14.50 9.55
CA ILE A 207 14.22 15.19 10.11
C ILE A 207 14.43 15.41 11.61
N VAL A 208 14.39 16.68 12.02
CA VAL A 208 14.68 17.06 13.41
C VAL A 208 13.72 18.11 13.96
N GLY A 209 13.48 18.09 15.26
CA GLY A 209 12.72 19.14 15.92
C GLY A 209 13.68 20.24 16.33
N ILE A 210 13.18 21.42 16.69
CA ILE A 210 14.04 22.49 17.19
C ILE A 210 13.45 22.99 18.50
N GLY A 211 14.28 22.98 19.54
CA GLY A 211 13.87 23.49 20.84
C GLY A 211 14.26 24.94 21.03
N ALA A 212 13.40 25.69 21.70
CA ALA A 212 13.71 27.08 21.99
C ALA A 212 14.08 27.23 23.46
N VAL A 213 14.66 28.38 23.81
CA VAL A 213 14.95 28.66 25.21
C VAL A 213 14.61 30.10 25.58
N SER A 228 15.91 20.55 33.25
CA SER A 228 17.25 20.92 33.68
C SER A 228 17.25 22.31 34.35
N GLN A 229 16.28 22.52 35.26
CA GLN A 229 16.02 23.83 35.90
C GLN A 229 17.27 24.68 36.17
N GLY A 230 18.21 24.15 36.96
CA GLY A 230 19.46 24.86 37.28
C GLY A 230 20.30 25.25 36.06
N GLU A 231 20.26 24.40 35.04
CA GLU A 231 21.07 24.59 33.84
C GLU A 231 20.47 25.59 32.86
N GLN A 232 19.15 25.73 32.85
CA GLN A 232 18.49 26.57 31.84
C GLN A 232 18.90 28.03 31.94
N LEU A 233 18.98 28.54 33.17
CA LEU A 233 19.37 29.93 33.38
C LEU A 233 20.78 30.15 32.89
N MET A 234 21.66 29.18 33.15
CA MET A 234 23.05 29.28 32.71
C MET A 234 23.20 29.19 31.20
N ILE A 235 22.26 28.51 30.55
CA ILE A 235 22.24 28.42 29.09
C ILE A 235 21.81 29.75 28.49
N GLY A 236 20.77 30.36 29.08
CA GLY A 236 20.28 31.68 28.67
C GLY A 236 21.39 32.69 28.79
N ARG A 237 22.08 32.64 29.92
CA ARG A 237 23.30 33.40 30.19
C ARG A 237 24.29 33.44 29.03
N LYS A 238 24.63 32.27 28.49
CA LYS A 238 25.57 32.17 27.35
C LYS A 238 24.93 32.55 26.00
N GLY A 239 23.67 32.98 26.03
CA GLY A 239 23.02 33.46 24.82
C GLY A 239 22.76 32.37 23.81
N ALA A 240 22.53 31.17 24.33
CA ALA A 240 21.93 30.10 23.58
C ALA A 240 20.51 30.51 23.24
N VAL A 241 20.13 30.31 21.99
CA VAL A 241 18.82 30.73 21.52
C VAL A 241 17.90 29.53 21.35
N GLY A 242 18.48 28.43 20.86
CA GLY A 242 17.74 27.20 20.69
C GLY A 242 18.63 25.98 20.72
N ASP A 243 17.98 24.80 20.63
CA ASP A 243 18.68 23.53 20.55
C ASP A 243 18.21 22.62 19.41
N ILE A 244 19.17 21.91 18.81
CA ILE A 244 18.87 20.79 17.92
C ILE A 244 19.58 19.52 18.41
N LEU A 245 18.80 18.45 18.58
CA LEU A 245 19.28 17.15 19.05
C LEU A 245 19.89 17.18 20.45
N GLY A 246 19.80 18.33 21.10
CA GLY A 246 20.33 18.51 22.46
C GLY A 246 21.47 19.50 22.52
N TYR A 247 21.98 19.90 21.35
CA TYR A 247 23.07 20.86 21.24
C TYR A 247 22.49 22.25 21.10
N PHE A 248 23.09 23.21 21.80
CA PHE A 248 22.59 24.58 21.82
C PHE A 248 23.41 25.54 20.95
N PHE A 249 22.73 26.50 20.34
CA PHE A 249 23.36 27.48 19.48
C PHE A 249 22.90 28.92 19.79
N ASP A 250 23.76 29.91 19.54
CA ASP A 250 23.36 31.31 19.73
C ASP A 250 22.57 31.84 18.53
N ALA A 251 22.26 33.15 18.52
CA ALA A 251 21.46 33.73 17.44
C ALA A 251 22.23 33.83 16.12
N LYS A 252 23.55 33.94 16.21
CA LYS A 252 24.42 33.92 15.03
C LYS A 252 24.40 32.52 14.39
N GLY A 253 23.93 31.54 15.16
CA GLY A 253 23.81 30.15 14.71
C GLY A 253 24.94 29.24 15.15
N ASP A 254 25.99 29.79 15.74
CA ASP A 254 27.15 28.99 16.13
C ASP A 254 26.83 28.25 17.42
N VAL A 255 27.36 27.03 17.56
CA VAL A 255 27.07 26.18 18.70
C VAL A 255 27.72 26.76 19.95
N VAL A 256 26.94 26.89 21.01
CA VAL A 256 27.45 27.46 22.23
C VAL A 256 28.56 26.59 22.82
N THR A 257 29.60 27.27 23.29
CA THR A 257 30.79 26.64 23.87
C THR A 257 30.69 26.52 25.38
N ASN A 258 31.47 25.58 25.94
CA ASN A 258 31.51 25.35 27.39
C ASN A 258 30.16 25.19 28.05
N ILE A 259 29.28 24.42 27.40
CA ILE A 259 28.15 23.81 28.09
C ILE A 259 28.56 22.38 28.36
N LYS A 260 28.24 21.87 29.55
CA LYS A 260 28.66 20.50 29.93
C LYS A 260 27.91 19.45 29.13
N ILE A 261 26.64 19.69 28.87
CA ILE A 261 25.76 18.78 28.15
C ILE A 261 26.36 18.28 26.84
N HIS A 262 26.85 19.21 26.04
CA HIS A 262 27.40 18.91 24.74
C HIS A 262 28.39 17.72 24.71
N ASN A 263 29.07 17.47 25.83
CA ASN A 263 30.05 16.38 25.90
C ASN A 263 29.51 15.17 26.63
N GLU A 264 28.27 15.32 27.10
CA GLU A 264 27.53 14.25 27.75
C GLU A 264 26.56 13.55 26.80
N LEU A 265 26.19 14.26 25.74
CA LEU A 265 25.34 13.70 24.68
C LEU A 265 25.97 12.54 23.91
N ILE A 266 25.24 11.43 23.81
CA ILE A 266 25.59 10.38 22.85
C ILE A 266 24.75 10.63 21.59
N GLY A 267 25.42 10.69 20.45
CA GLY A 267 24.69 10.99 19.23
C GLY A 267 25.47 11.89 18.32
N LEU A 268 24.89 12.19 17.17
CA LEU A 268 25.59 12.90 16.12
C LEU A 268 25.70 14.37 16.47
N PRO A 269 26.92 14.92 16.46
CA PRO A 269 27.09 16.33 16.73
C PRO A 269 26.66 17.19 15.54
N LEU A 270 26.30 18.44 15.79
CA LEU A 270 25.77 19.31 14.76
C LEU A 270 26.68 19.48 13.55
N SER A 271 27.99 19.64 13.77
CA SER A 271 28.94 19.66 12.65
C SER A 271 28.70 18.53 11.65
N ALA A 272 28.38 17.35 12.18
CA ALA A 272 28.26 16.12 11.40
C ALA A 272 26.87 15.98 10.75
N LEU A 273 25.85 16.50 11.43
CA LEU A 273 24.50 16.55 10.86
C LEU A 273 24.61 17.15 9.47
N LYS A 274 25.39 18.23 9.37
CA LYS A 274 25.60 18.93 8.11
C LYS A 274 25.98 18.03 6.94
N THR A 275 26.50 16.84 7.21
CA THR A 275 26.87 15.95 6.12
C THR A 275 25.62 15.56 5.33
N ILE A 276 24.49 15.46 6.02
CA ILE A 276 23.29 14.96 5.38
C ILE A 276 22.76 15.98 4.37
N PRO A 277 22.76 15.61 3.07
CA PRO A 277 22.46 16.48 1.93
C PRO A 277 21.24 17.34 2.13
N VAL A 278 20.16 16.76 2.63
CA VAL A 278 18.92 17.51 2.91
C VAL A 278 18.41 17.21 4.32
N ARG A 279 18.39 18.23 5.16
CA ARG A 279 18.03 18.04 6.54
C ARG A 279 16.89 19.00 6.90
N VAL A 280 15.76 18.44 7.31
CA VAL A 280 14.61 19.27 7.57
C VAL A 280 14.27 19.44 9.06
N GLY A 281 14.00 20.69 9.40
CA GLY A 281 13.49 21.05 10.70
C GLY A 281 12.00 21.17 10.62
N VAL A 282 11.33 20.69 11.66
CA VAL A 282 9.90 20.82 11.81
C VAL A 282 9.67 21.40 13.19
N ALA A 283 9.30 22.67 13.21
CA ALA A 283 9.21 23.42 14.45
C ALA A 283 8.23 24.55 14.26
N GLY A 284 7.52 24.89 15.33
CA GLY A 284 6.50 25.94 15.29
C GLY A 284 6.09 26.20 16.71
N GLY A 285 5.38 27.30 16.95
CA GLY A 285 5.04 27.68 18.31
C GLY A 285 5.45 29.12 18.50
N GLU A 286 4.85 29.77 19.48
CA GLU A 286 5.04 31.21 19.63
C GLU A 286 6.49 31.58 19.93
N ASN A 287 7.16 30.81 20.77
CA ASN A 287 8.50 31.21 21.17
C ASN A 287 9.61 30.79 20.21
N LYS A 288 9.25 29.96 19.23
CA LYS A 288 10.22 29.24 18.41
C LYS A 288 10.95 30.10 17.38
N ALA A 289 10.27 31.12 16.87
CA ALA A 289 10.76 31.97 15.78
C ALA A 289 12.28 32.17 15.67
N GLU A 290 12.87 32.70 16.74
CA GLU A 290 14.26 33.13 16.70
C GLU A 290 15.21 31.95 16.78
N ALA A 291 14.72 30.84 17.32
CA ALA A 291 15.50 29.60 17.41
C ALA A 291 15.54 28.93 16.04
N ILE A 292 14.39 28.89 15.38
CA ILE A 292 14.27 28.43 13.99
C ILE A 292 15.19 29.23 13.06
N ALA A 293 15.16 30.56 13.20
CA ALA A 293 15.98 31.43 12.38
C ALA A 293 17.47 31.20 12.63
N ALA A 294 17.84 31.11 13.90
CA ALA A 294 19.21 30.86 14.27
C ALA A 294 19.65 29.49 13.75
N ALA A 295 18.69 28.58 13.62
CA ALA A 295 18.95 27.23 13.11
C ALA A 295 19.47 27.26 11.68
N MET A 296 18.75 27.95 10.79
CA MET A 296 19.15 28.01 9.39
C MET A 296 20.29 29.00 9.09
N LYS A 297 20.52 29.96 9.97
CA LYS A 297 21.74 30.78 9.87
C LYS A 297 22.96 29.90 10.12
N GLY A 298 22.83 28.95 11.05
CA GLY A 298 23.92 28.04 11.40
C GLY A 298 24.19 26.96 10.36
N GLY A 299 23.20 26.75 9.48
CA GLY A 299 23.29 25.76 8.41
C GLY A 299 22.83 24.36 8.82
N TYR A 300 22.24 24.25 9.99
CA TYR A 300 21.91 22.93 10.53
C TYR A 300 20.75 22.31 9.79
N ILE A 301 19.80 23.15 9.35
CA ILE A 301 18.73 22.71 8.48
C ILE A 301 18.80 23.52 7.20
N ASN A 302 18.34 22.93 6.11
CA ASN A 302 18.25 23.63 4.84
C ASN A 302 16.87 23.40 4.27
N ALA A 303 15.99 22.88 5.13
CA ALA A 303 14.58 22.74 4.82
C ALA A 303 13.75 22.91 6.08
N LEU A 304 12.57 23.49 5.95
CA LEU A 304 11.83 23.86 7.11
C LEU A 304 10.37 23.65 6.90
N VAL A 305 9.73 23.04 7.89
CA VAL A 305 8.27 23.00 7.97
C VAL A 305 7.84 23.78 9.22
N THR A 306 7.03 24.81 9.05
CA THR A 306 6.39 25.52 10.17
C THR A 306 4.95 25.78 9.83
N ASP A 307 4.39 26.68 10.63
CA ASP A 307 3.06 27.19 10.42
C ASP A 307 3.12 28.69 10.14
N GLN A 308 1.99 29.20 9.67
CA GLN A 308 1.85 30.61 9.29
C GLN A 308 2.35 31.60 10.33
N ASP A 309 1.80 31.52 11.54
CA ASP A 309 2.07 32.52 12.58
C ASP A 309 3.56 32.60 12.89
N THR A 310 4.23 31.45 12.81
CA THR A 310 5.67 31.37 13.06
C THR A 310 6.46 31.88 11.86
N ALA A 311 5.93 31.68 10.65
CA ALA A 311 6.60 32.22 9.47
C ALA A 311 6.59 33.75 9.52
N ALA A 312 5.42 34.31 9.82
CA ALA A 312 5.27 35.75 9.97
C ALA A 312 6.29 36.27 10.98
N ALA A 313 6.27 35.66 12.16
CA ALA A 313 7.19 35.99 13.23
C ALA A 313 8.67 36.00 12.79
N ILE A 314 9.06 34.98 12.02
CA ILE A 314 10.46 34.87 11.60
C ILE A 314 10.83 36.06 10.74
N LEU A 315 9.94 36.35 9.78
CA LEU A 315 10.13 37.48 8.88
C LEU A 315 10.15 38.82 9.63
N ARG A 316 9.17 39.04 10.51
CA ARG A 316 9.22 40.18 11.42
C ARG A 316 10.64 40.33 11.97
N SER A 317 11.11 39.30 12.67
CA SER A 317 12.42 39.28 13.30
C SER A 317 13.59 39.69 12.37
N LEU A 318 13.40 39.52 11.06
CA LEU A 318 14.42 39.91 10.08
C LEU A 318 14.41 41.40 9.76
N GLU A 319 13.22 41.99 9.63
CA GLU A 319 13.10 43.44 9.50
C GLU A 319 14.05 44.13 10.49
N HIS A 320 13.88 43.84 11.78
CA HIS A 320 14.78 44.33 12.84
C HIS A 320 16.28 44.40 12.47
N GLY B 12 -9.01 38.87 0.19
CA GLY B 12 -8.33 38.87 -1.13
C GLY B 12 -7.54 37.60 -1.39
N MET B 13 -8.26 36.51 -1.70
CA MET B 13 -7.66 35.24 -2.09
C MET B 13 -8.18 34.74 -3.44
N CYS B 14 -7.24 34.36 -4.32
CA CYS B 14 -7.56 33.69 -5.57
C CYS B 14 -8.56 32.56 -5.31
N GLU B 15 -9.24 32.09 -6.36
CA GLU B 15 -10.04 30.87 -6.25
C GLU B 15 -9.14 29.68 -5.84
N GLU B 16 -8.04 29.49 -6.57
CA GLU B 16 -7.10 28.40 -6.30
C GLU B 16 -6.59 28.46 -4.86
N GLU B 17 -6.27 29.66 -4.39
CA GLU B 17 -5.76 29.82 -3.02
C GLU B 17 -6.80 29.39 -1.98
N GLN B 18 -8.07 29.55 -2.34
CA GLN B 18 -9.19 29.17 -1.47
C GLN B 18 -9.49 27.68 -1.61
N VAL B 19 -9.18 27.11 -2.76
CA VAL B 19 -9.32 25.67 -3.00
C VAL B 19 -8.29 24.92 -2.12
N ALA B 20 -7.06 25.43 -2.09
CA ALA B 20 -5.96 24.80 -1.34
C ALA B 20 -6.14 24.90 0.18
N ARG B 21 -6.58 26.07 0.68
CA ARG B 21 -6.93 26.22 2.08
C ARG B 21 -7.97 25.19 2.52
N ILE B 22 -9.02 25.05 1.71
CA ILE B 22 -10.11 24.13 2.04
C ILE B 22 -9.60 22.69 2.05
N ALA B 23 -8.79 22.35 1.05
CA ALA B 23 -8.19 21.03 0.97
C ALA B 23 -7.52 20.70 2.30
N TRP B 24 -6.56 21.52 2.70
CA TRP B 24 -5.79 21.33 3.92
C TRP B 24 -6.67 21.18 5.15
N PHE B 25 -7.67 22.02 5.29
CA PHE B 25 -8.52 21.96 6.45
C PHE B 25 -9.37 20.70 6.49
N TYR B 26 -9.82 20.25 5.32
CA TYR B 26 -10.76 19.13 5.26
C TYR B 26 -10.11 17.77 5.33
N TYR B 27 -8.93 17.66 4.71
CA TYR B 27 -8.27 16.40 4.55
C TYR B 27 -7.09 16.17 5.50
N HIS B 28 -6.53 17.25 6.02
CA HIS B 28 -5.41 17.13 6.93
C HIS B 28 -5.80 17.45 8.36
N ASP B 29 -6.64 18.47 8.52
CA ASP B 29 -7.14 18.85 9.84
C ASP B 29 -8.53 18.25 10.07
N GLY B 30 -9.04 17.53 9.08
CA GLY B 30 -10.30 16.82 9.19
C GLY B 30 -11.51 17.58 9.69
N LEU B 31 -11.46 18.92 9.64
CA LEU B 31 -12.58 19.77 10.06
C LEU B 31 -13.80 19.59 9.16
N THR B 32 -14.98 19.96 9.68
CA THR B 32 -16.23 19.93 8.90
C THR B 32 -16.37 21.19 8.03
N GLN B 33 -17.24 21.10 7.02
CA GLN B 33 -17.51 22.24 6.13
C GLN B 33 -18.16 23.38 6.86
N SER B 34 -19.05 23.04 7.79
CA SER B 34 -19.68 23.99 8.71
C SER B 34 -18.61 24.78 9.49
N GLU B 35 -17.50 24.11 9.81
CA GLU B 35 -16.33 24.76 10.40
C GLU B 35 -15.63 25.71 9.42
N ILE B 36 -15.16 25.17 8.30
CA ILE B 36 -14.44 25.93 7.26
C ILE B 36 -15.23 27.14 6.73
N SER B 37 -16.48 26.89 6.30
CA SER B 37 -17.41 27.92 5.86
C SER B 37 -17.62 28.99 6.93
N ASP B 38 -17.67 28.56 8.18
CA ASP B 38 -17.82 29.46 9.31
C ASP B 38 -16.54 30.27 9.51
N ARG B 39 -15.38 29.61 9.38
CA ARG B 39 -14.08 30.21 9.72
C ARG B 39 -13.46 31.10 8.66
N LEU B 40 -13.79 30.86 7.40
CA LEU B 40 -13.30 31.71 6.31
C LEU B 40 -14.36 32.69 5.84
N GLY B 41 -15.54 32.61 6.47
CA GLY B 41 -16.67 33.47 6.14
C GLY B 41 -17.15 33.30 4.70
N LEU B 42 -17.22 32.05 4.25
CA LEU B 42 -17.75 31.71 2.93
C LEU B 42 -18.90 30.75 3.13
N THR B 43 -19.85 30.73 2.20
CA THR B 43 -21.04 29.88 2.32
C THR B 43 -20.66 28.41 2.22
N ARG B 44 -21.37 27.56 2.99
CA ARG B 44 -21.28 26.11 2.84
C ARG B 44 -21.51 25.69 1.39
N LEU B 45 -22.48 26.35 0.76
CA LEU B 45 -22.83 26.16 -0.65
C LEU B 45 -21.61 26.44 -1.54
N LYS B 46 -20.90 27.52 -1.23
CA LYS B 46 -19.67 27.85 -1.94
C LYS B 46 -18.62 26.78 -1.68
N VAL B 47 -18.36 26.50 -0.39
CA VAL B 47 -17.35 25.52 0.01
C VAL B 47 -17.55 24.18 -0.73
N SER B 48 -18.77 23.63 -0.65
CA SER B 48 -19.14 22.42 -1.39
C SER B 48 -18.73 22.49 -2.86
N ARG B 49 -19.07 23.59 -3.52
CA ARG B 49 -18.68 23.81 -4.93
C ARG B 49 -17.15 23.87 -5.11
N LEU B 50 -16.45 24.49 -4.16
CA LEU B 50 -14.99 24.67 -4.25
C LEU B 50 -14.19 23.40 -3.96
N LEU B 51 -14.76 22.52 -3.15
CA LEU B 51 -14.23 21.19 -2.96
C LEU B 51 -14.49 20.37 -4.20
N GLU B 52 -15.68 20.57 -4.80
CA GLU B 52 -16.03 19.94 -6.09
C GLU B 52 -15.01 20.34 -7.15
N LYS B 53 -14.63 21.61 -7.18
CA LYS B 53 -13.65 22.13 -8.17
C LYS B 53 -12.20 21.69 -7.94
N GLY B 54 -11.82 21.55 -6.67
CA GLY B 54 -10.48 21.06 -6.32
C GLY B 54 -10.27 19.64 -6.83
N HIS B 55 -11.28 18.81 -6.60
CA HIS B 55 -11.32 17.49 -7.20
C HIS B 55 -11.56 17.61 -8.69
N GLN B 56 -12.58 18.39 -9.06
CA GLN B 56 -13.01 18.60 -10.46
C GLN B 56 -11.86 18.51 -11.45
N SER B 57 -10.72 19.11 -11.13
CA SER B 57 -9.51 18.80 -11.89
C SER B 57 -8.23 19.38 -11.31
N GLY B 58 -7.21 18.52 -11.29
CA GLY B 58 -5.85 18.93 -11.03
C GLY B 58 -5.44 18.82 -9.58
N ILE B 59 -6.11 19.59 -8.72
CA ILE B 59 -5.55 19.98 -7.44
C ILE B 59 -5.51 18.83 -6.43
N ILE B 60 -6.70 18.39 -6.01
CA ILE B 60 -6.81 17.35 -4.98
C ILE B 60 -6.70 15.95 -5.59
N ARG B 61 -5.62 15.28 -5.21
CA ARG B 61 -5.30 13.97 -5.75
C ARG B 61 -5.04 13.03 -4.56
N VAL B 62 -5.80 11.93 -4.52
CA VAL B 62 -5.64 10.95 -3.46
C VAL B 62 -4.73 9.80 -3.90
N GLN B 63 -3.58 9.70 -3.25
CA GLN B 63 -2.63 8.64 -3.51
C GLN B 63 -2.71 7.66 -2.33
N ILE B 64 -2.42 6.37 -2.57
CA ILE B 64 -2.34 5.38 -1.47
C ILE B 64 -0.94 4.79 -1.37
N ASN B 65 -0.38 4.79 -0.16
CA ASN B 65 0.92 4.16 0.06
C ASN B 65 0.79 2.73 0.59
N SER B 66 0.94 1.75 -0.31
CA SER B 66 1.09 0.34 0.04
C SER B 66 1.37 -0.51 -1.19
N ARG B 67 1.82 -1.75 -0.99
CA ARG B 67 2.01 -2.65 -2.13
C ARG B 67 0.66 -2.94 -2.83
N PHE B 68 -0.42 -2.99 -2.04
CA PHE B 68 -1.76 -3.26 -2.53
C PHE B 68 -2.30 -2.25 -3.55
N GLU B 69 -1.74 -1.04 -3.58
CA GLU B 69 -2.18 -0.04 -4.54
C GLU B 69 -2.09 -0.57 -5.98
N GLY B 70 -0.96 -1.21 -6.31
CA GLY B 70 -0.74 -1.75 -7.66
C GLY B 70 -1.78 -2.80 -8.01
N CYS B 71 -2.03 -3.68 -7.06
CA CYS B 71 -3.08 -4.67 -7.20
C CYS B 71 -4.40 -4.00 -7.54
N LEU B 72 -4.84 -3.08 -6.69
CA LEU B 72 -6.06 -2.32 -6.95
C LEU B 72 -6.10 -1.74 -8.36
N GLU B 73 -4.98 -1.16 -8.79
CA GLU B 73 -4.91 -0.55 -10.11
C GLU B 73 -5.17 -1.56 -11.22
N TYR B 74 -4.31 -2.57 -11.29
CA TYR B 74 -4.44 -3.65 -12.27
C TYR B 74 -5.80 -4.34 -12.20
N GLU B 75 -6.37 -4.39 -11.00
CA GLU B 75 -7.71 -4.91 -10.81
C GLU B 75 -8.69 -4.06 -11.58
N THR B 76 -8.57 -2.75 -11.41
CA THR B 76 -9.47 -1.80 -12.04
C THR B 76 -9.38 -1.81 -13.57
N GLN B 77 -8.18 -2.04 -14.08
CA GLN B 77 -7.97 -2.08 -15.52
C GLN B 77 -8.48 -3.38 -16.14
N LEU B 78 -8.09 -4.51 -15.56
CA LEU B 78 -8.62 -5.82 -15.97
C LEU B 78 -10.15 -5.78 -16.01
N ARG B 79 -10.74 -5.18 -14.98
CA ARG B 79 -12.17 -5.06 -14.89
C ARG B 79 -12.73 -4.28 -16.08
N ARG B 80 -12.09 -3.18 -16.46
CA ARG B 80 -12.57 -2.38 -17.59
C ARG B 80 -12.30 -3.04 -18.93
N GLN B 81 -11.07 -3.54 -19.07
CA GLN B 81 -10.52 -4.03 -20.34
C GLN B 81 -11.06 -5.40 -20.77
N PHE B 82 -11.50 -6.19 -19.81
CA PHE B 82 -12.01 -7.51 -20.10
C PHE B 82 -13.43 -7.65 -19.59
N SER B 83 -14.01 -6.55 -19.12
CA SER B 83 -15.38 -6.53 -18.59
C SER B 83 -15.68 -7.74 -17.71
N LEU B 84 -14.83 -7.96 -16.71
CA LEU B 84 -14.95 -9.08 -15.79
C LEU B 84 -16.05 -8.83 -14.78
N GLN B 85 -16.65 -9.89 -14.26
CA GLN B 85 -17.60 -9.75 -13.17
C GLN B 85 -16.89 -9.62 -11.82
N HIS B 86 -15.69 -10.21 -11.71
CA HIS B 86 -14.90 -10.21 -10.47
C HIS B 86 -13.41 -10.35 -10.75
N VAL B 87 -12.58 -9.62 -10.01
CA VAL B 87 -11.10 -9.70 -10.16
C VAL B 87 -10.40 -9.64 -8.82
N ARG B 88 -9.41 -10.50 -8.63
CA ARG B 88 -8.46 -10.29 -7.55
C ARG B 88 -7.07 -10.31 -8.09
N VAL B 89 -6.32 -9.26 -7.82
CA VAL B 89 -4.92 -9.27 -8.08
C VAL B 89 -4.23 -9.35 -6.73
N ILE B 90 -3.42 -10.37 -6.56
CA ILE B 90 -2.69 -10.55 -5.32
C ILE B 90 -1.26 -10.06 -5.53
N PRO B 91 -0.56 -9.71 -4.44
CA PRO B 91 0.82 -9.31 -4.64
C PRO B 91 1.62 -10.45 -5.26
N GLY B 92 2.48 -10.10 -6.21
CA GLY B 92 3.25 -11.09 -6.95
C GLY B 92 4.43 -11.67 -6.20
N LEU B 93 5.56 -11.80 -6.91
CA LEU B 93 6.78 -12.43 -6.40
C LEU B 93 7.42 -11.77 -5.20
N ALA B 94 6.99 -10.55 -4.90
CA ALA B 94 7.43 -9.83 -3.71
C ALA B 94 7.18 -10.62 -2.40
N ASP B 95 6.07 -11.37 -2.34
CA ASP B 95 5.75 -12.20 -1.16
C ASP B 95 5.97 -13.71 -1.41
N ALA B 96 6.28 -14.03 -2.67
CA ALA B 96 6.91 -15.32 -3.06
C ALA B 96 6.36 -16.67 -2.50
N ASP B 97 5.16 -16.67 -1.93
CA ASP B 97 4.38 -17.90 -1.87
C ASP B 97 3.22 -17.75 -2.86
N VAL B 98 3.57 -17.33 -4.07
CA VAL B 98 2.61 -16.88 -5.07
C VAL B 98 1.61 -17.97 -5.44
N GLY B 99 2.10 -19.18 -5.71
CA GLY B 99 1.24 -20.35 -5.93
C GLY B 99 0.21 -20.55 -4.83
N GLY B 100 0.68 -20.68 -3.59
CA GLY B 100 -0.19 -20.98 -2.46
C GLY B 100 -1.13 -19.86 -2.12
N ARG B 101 -0.65 -18.63 -2.31
CA ARG B 101 -1.41 -17.45 -1.96
C ARG B 101 -2.48 -17.20 -3.01
N LEU B 102 -2.22 -17.72 -4.21
CA LEU B 102 -3.16 -17.73 -5.34
C LEU B 102 -4.42 -18.54 -5.02
N GLY B 103 -4.23 -19.68 -4.36
CA GLY B 103 -5.31 -20.55 -3.94
C GLY B 103 -6.14 -19.99 -2.79
N ILE B 104 -5.51 -19.21 -1.92
CA ILE B 104 -6.24 -18.54 -0.83
C ILE B 104 -7.16 -17.49 -1.44
N GLY B 105 -6.65 -16.80 -2.44
CA GLY B 105 -7.42 -15.80 -3.16
C GLY B 105 -8.72 -16.38 -3.73
N ALA B 106 -8.56 -17.40 -4.57
CA ALA B 106 -9.68 -17.95 -5.30
C ALA B 106 -10.72 -18.49 -4.32
N ALA B 107 -10.25 -19.08 -3.22
CA ALA B 107 -11.15 -19.66 -2.25
C ALA B 107 -11.98 -18.59 -1.55
N HIS B 108 -11.44 -17.38 -1.42
CA HIS B 108 -12.20 -16.29 -0.81
C HIS B 108 -13.16 -15.66 -1.79
N MET B 109 -12.75 -15.62 -3.05
CA MET B 109 -13.64 -15.19 -4.13
C MET B 109 -14.82 -16.15 -4.27
N LEU B 110 -14.54 -17.45 -4.33
CA LEU B 110 -15.59 -18.45 -4.39
C LEU B 110 -16.56 -18.37 -3.20
N MET B 111 -16.04 -18.06 -2.01
CA MET B 111 -16.86 -17.89 -0.83
C MET B 111 -17.88 -16.76 -1.00
N SER B 112 -17.48 -15.70 -1.70
CA SER B 112 -18.40 -14.61 -2.05
C SER B 112 -19.50 -15.00 -3.03
N LEU B 113 -19.25 -16.03 -3.83
CA LEU B 113 -20.12 -16.36 -4.95
C LEU B 113 -21.13 -17.47 -4.63
N LEU B 114 -20.69 -18.52 -3.93
CA LEU B 114 -21.54 -19.66 -3.66
C LEU B 114 -22.60 -19.43 -2.59
N GLN B 115 -23.87 -19.56 -2.97
CA GLN B 115 -24.96 -19.75 -2.01
C GLN B 115 -24.81 -21.11 -1.33
N PRO B 116 -25.38 -21.25 -0.13
CA PRO B 116 -25.46 -22.61 0.42
C PRO B 116 -26.24 -23.59 -0.51
N GLN B 117 -25.78 -24.85 -0.56
CA GLN B 117 -26.35 -25.95 -1.37
C GLN B 117 -26.17 -25.84 -2.87
N GLN B 118 -25.36 -24.89 -3.33
CA GLN B 118 -25.07 -24.76 -4.75
C GLN B 118 -24.04 -25.77 -5.24
N MET B 119 -23.87 -25.86 -6.55
CA MET B 119 -22.96 -26.82 -7.12
C MET B 119 -21.77 -26.15 -7.79
N LEU B 120 -20.59 -26.74 -7.60
CA LEU B 120 -19.34 -26.19 -8.08
C LEU B 120 -18.65 -27.10 -9.06
N ALA B 121 -18.58 -26.68 -10.32
CA ALA B 121 -17.83 -27.42 -11.33
C ALA B 121 -16.35 -27.15 -11.13
N ILE B 122 -15.55 -28.19 -11.33
CA ILE B 122 -14.16 -28.21 -10.86
C ILE B 122 -13.17 -28.68 -11.91
N GLY B 123 -12.21 -27.84 -12.23
CA GLY B 123 -11.11 -28.23 -13.11
C GLY B 123 -9.98 -28.87 -12.33
N PHE B 124 -9.18 -29.66 -13.02
CA PHE B 124 -7.94 -30.23 -12.47
C PHE B 124 -6.80 -29.18 -12.51
N GLY B 125 -5.62 -29.54 -11.99
CA GLY B 125 -4.47 -28.64 -11.97
C GLY B 125 -4.10 -28.23 -10.55
N GLU B 126 -2.83 -27.84 -10.36
CA GLU B 126 -2.33 -27.40 -9.05
C GLU B 126 -3.10 -26.23 -8.47
N ALA B 127 -3.16 -25.12 -9.20
CA ALA B 127 -3.81 -23.90 -8.71
C ALA B 127 -5.19 -24.21 -8.18
N THR B 128 -5.92 -25.02 -8.93
CA THR B 128 -7.31 -25.36 -8.67
C THR B 128 -7.47 -26.35 -7.51
N MET B 129 -6.60 -27.36 -7.46
CA MET B 129 -6.59 -28.32 -6.35
C MET B 129 -6.29 -27.57 -5.08
N ASN B 130 -5.27 -26.73 -5.17
CA ASN B 130 -4.84 -25.88 -4.10
C ASN B 130 -6.00 -25.04 -3.54
N THR B 131 -6.68 -24.30 -4.41
CA THR B 131 -7.78 -23.46 -3.97
C THR B 131 -8.90 -24.27 -3.32
N LEU B 132 -9.16 -25.46 -3.86
CA LEU B 132 -10.14 -26.37 -3.27
C LEU B 132 -9.82 -26.68 -1.83
N GLN B 133 -8.55 -26.99 -1.58
CA GLN B 133 -8.03 -27.22 -0.24
C GLN B 133 -8.38 -26.05 0.72
N ARG B 134 -7.95 -24.84 0.39
CA ARG B 134 -8.32 -23.67 1.19
C ARG B 134 -9.83 -23.56 1.41
N LEU B 135 -10.61 -24.15 0.53
CA LEU B 135 -12.05 -23.90 0.46
C LEU B 135 -12.84 -24.92 1.28
N SER B 136 -12.14 -25.98 1.67
CA SER B 136 -12.72 -27.14 2.35
C SER B 136 -13.76 -26.88 3.46
N GLY B 137 -13.53 -25.86 4.30
CA GLY B 137 -14.40 -25.61 5.46
C GLY B 137 -15.75 -25.04 5.10
N PHE B 138 -15.72 -24.08 4.17
CA PHE B 138 -16.90 -23.52 3.53
C PHE B 138 -17.76 -24.62 2.92
N ILE B 139 -17.14 -25.54 2.19
CA ILE B 139 -17.86 -26.65 1.54
C ILE B 139 -18.74 -27.41 2.53
N SER B 140 -18.12 -27.93 3.61
CA SER B 140 -18.83 -28.69 4.64
C SER B 140 -19.97 -27.90 5.26
N SER B 141 -19.65 -26.75 5.83
CA SER B 141 -20.63 -25.95 6.58
C SER B 141 -21.75 -25.43 5.68
N GLN B 142 -21.43 -25.09 4.43
CA GLN B 142 -22.42 -24.51 3.52
C GLN B 142 -23.08 -25.57 2.66
N GLN B 143 -22.62 -26.81 2.83
CA GLN B 143 -23.12 -28.00 2.09
C GLN B 143 -23.04 -27.81 0.58
N ILE B 144 -21.83 -27.56 0.09
CA ILE B 144 -21.56 -27.33 -1.33
C ILE B 144 -21.33 -28.64 -2.08
N ARG B 145 -21.96 -28.76 -3.24
CA ARG B 145 -21.82 -29.94 -4.08
C ARG B 145 -20.68 -29.74 -5.09
N LEU B 146 -19.85 -30.76 -5.29
CA LEU B 146 -18.79 -30.67 -6.30
C LEU B 146 -19.04 -31.58 -7.49
N VAL B 147 -18.53 -31.18 -8.65
CA VAL B 147 -18.58 -31.98 -9.87
C VAL B 147 -17.26 -31.77 -10.60
N THR B 148 -16.70 -32.85 -11.15
CA THR B 148 -15.52 -32.73 -12.00
C THR B 148 -15.91 -32.21 -13.38
N LEU B 149 -15.10 -31.32 -13.94
CA LEU B 149 -15.36 -30.88 -15.28
C LEU B 149 -14.75 -31.84 -16.28
N SER B 150 -13.81 -32.66 -15.85
CA SER B 150 -13.16 -33.57 -16.77
C SER B 150 -12.81 -34.91 -16.15
N GLY B 151 -12.43 -35.86 -16.99
CA GLY B 151 -11.93 -37.14 -16.51
C GLY B 151 -10.54 -36.95 -15.93
N GLY B 152 -9.96 -38.04 -15.46
CA GLY B 152 -8.67 -38.00 -14.82
C GLY B 152 -8.72 -38.65 -13.47
N VAL B 153 -9.82 -38.43 -12.76
CA VAL B 153 -10.07 -39.00 -11.44
C VAL B 153 -9.01 -38.80 -10.37
N GLY B 154 -7.81 -39.30 -10.64
CA GLY B 154 -6.70 -39.27 -9.69
C GLY B 154 -6.15 -37.86 -9.54
N SER B 155 -6.18 -37.08 -10.61
CA SER B 155 -5.65 -35.71 -10.58
C SER B 155 -6.56 -34.74 -9.81
N TYR B 156 -7.69 -35.27 -9.37
CA TYR B 156 -8.63 -34.51 -8.58
C TYR B 156 -8.50 -34.85 -7.11
N MET B 157 -7.86 -35.98 -6.83
CA MET B 157 -7.85 -36.56 -5.50
C MET B 157 -7.33 -35.65 -4.40
N THR B 158 -6.16 -35.06 -4.68
CA THR B 158 -5.47 -34.13 -3.78
C THR B 158 -6.30 -32.94 -3.28
N GLY B 159 -7.46 -32.70 -3.89
CA GLY B 159 -8.28 -31.53 -3.54
C GLY B 159 -9.68 -31.86 -3.07
N ILE B 160 -10.20 -32.99 -3.54
CA ILE B 160 -11.48 -33.54 -3.03
C ILE B 160 -11.22 -34.25 -1.68
N GLY B 161 -10.16 -33.86 -1.00
CA GLY B 161 -9.63 -34.64 0.10
C GLY B 161 -10.43 -34.74 1.39
N GLN B 162 -11.56 -34.09 1.67
CA GLN B 162 -12.14 -34.25 3.05
C GLN B 162 -13.68 -34.35 3.08
N LEU B 163 -14.39 -34.68 4.18
CA LEU B 163 -15.89 -34.63 3.80
C LEU B 163 -16.95 -34.37 4.85
N ASN B 164 -17.71 -33.32 4.68
CA ASN B 164 -19.01 -33.42 5.30
C ASN B 164 -19.57 -34.80 4.81
N ALA B 165 -19.72 -35.75 5.76
CA ALA B 165 -20.43 -37.01 5.46
C ALA B 165 -21.62 -36.73 4.49
N ALA B 166 -22.31 -35.57 4.70
CA ALA B 166 -23.46 -35.16 3.87
C ALA B 166 -23.08 -34.64 2.45
N CYS B 167 -21.85 -34.14 2.27
CA CYS B 167 -21.40 -33.53 0.98
C CYS B 167 -21.06 -34.49 -0.17
N SER B 168 -21.75 -34.26 -1.31
CA SER B 168 -21.61 -35.10 -2.49
C SER B 168 -20.54 -34.57 -3.41
N VAL B 169 -19.73 -35.51 -3.91
CA VAL B 169 -18.72 -35.24 -4.93
C VAL B 169 -18.98 -36.12 -6.15
N ASN B 170 -19.21 -35.47 -7.29
CA ASN B 170 -19.43 -36.15 -8.57
C ASN B 170 -18.16 -36.26 -9.43
N ILE B 171 -17.57 -37.44 -9.49
CA ILE B 171 -16.35 -37.63 -10.25
C ILE B 171 -16.63 -38.42 -11.54
N ILE B 172 -16.18 -37.89 -12.67
CA ILE B 172 -16.27 -38.61 -13.94
C ILE B 172 -15.36 -39.84 -13.86
N PRO B 173 -15.94 -41.04 -14.07
CA PRO B 173 -15.16 -42.26 -13.96
C PRO B 173 -14.44 -42.64 -15.26
N ALA B 174 -13.62 -41.73 -15.75
CA ALA B 174 -12.92 -42.00 -16.97
C ALA B 174 -11.57 -41.30 -16.96
N PRO B 175 -10.65 -41.72 -17.83
CA PRO B 175 -9.39 -40.98 -18.01
C PRO B 175 -9.67 -39.59 -18.61
N LEU B 176 -8.75 -38.65 -18.48
CA LEU B 176 -8.93 -37.33 -19.08
C LEU B 176 -9.05 -37.47 -20.59
N ARG B 177 -8.09 -38.17 -21.18
CA ARG B 177 -7.97 -38.27 -22.62
C ARG B 177 -7.98 -39.71 -23.09
N ALA B 178 -8.83 -40.03 -24.05
CA ALA B 178 -8.88 -41.39 -24.60
C ALA B 178 -7.81 -41.50 -25.67
N SER B 179 -7.43 -42.72 -26.02
CA SER B 179 -6.40 -42.92 -27.03
C SER B 179 -6.94 -42.72 -28.45
N SER B 180 -8.25 -42.64 -28.59
CA SER B 180 -8.84 -42.26 -29.87
C SER B 180 -10.19 -41.59 -29.71
N ALA B 181 -10.53 -40.75 -30.69
CA ALA B 181 -11.82 -40.07 -30.76
C ALA B 181 -13.00 -41.02 -30.62
N ASP B 182 -12.89 -42.20 -31.22
CA ASP B 182 -13.97 -43.19 -31.14
C ASP B 182 -14.13 -43.70 -29.71
N ILE B 183 -13.01 -44.13 -29.11
CA ILE B 183 -13.03 -44.58 -27.71
C ILE B 183 -13.54 -43.48 -26.76
N ALA B 184 -13.17 -42.24 -27.04
CA ALA B 184 -13.72 -41.12 -26.30
C ALA B 184 -15.23 -41.06 -26.48
N ARG B 185 -15.69 -41.15 -27.73
CA ARG B 185 -17.12 -41.01 -28.03
C ARG B 185 -17.94 -42.11 -27.35
N THR B 186 -17.44 -43.34 -27.38
CA THR B 186 -18.16 -44.45 -26.75
C THR B 186 -18.11 -44.35 -25.23
N LEU B 187 -17.11 -43.65 -24.69
CA LEU B 187 -17.02 -43.45 -23.25
C LEU B 187 -18.02 -42.41 -22.74
N LYS B 188 -18.11 -41.27 -23.44
CA LYS B 188 -19.10 -40.24 -23.11
C LYS B 188 -20.53 -40.80 -23.15
N ASN B 189 -20.71 -41.92 -23.85
CA ASN B 189 -22.03 -42.57 -23.96
C ASN B 189 -22.38 -43.53 -22.85
N GLU B 190 -21.36 -43.99 -22.12
CA GLU B 190 -21.57 -44.72 -20.89
C GLU B 190 -22.33 -43.79 -19.97
N ASN B 191 -23.43 -44.25 -19.41
CA ASN B 191 -24.23 -43.32 -18.62
C ASN B 191 -23.72 -43.12 -17.20
N CYS B 192 -22.70 -43.89 -16.82
CA CYS B 192 -21.92 -43.58 -15.62
C CYS B 192 -21.15 -42.29 -15.81
N VAL B 193 -20.70 -42.09 -17.04
CA VAL B 193 -19.95 -40.91 -17.42
C VAL B 193 -20.92 -39.78 -17.76
N LYS B 194 -21.87 -40.07 -18.66
CA LYS B 194 -22.86 -39.09 -19.12
C LYS B 194 -23.59 -38.37 -17.99
N ASP B 195 -23.99 -39.13 -16.97
CA ASP B 195 -24.65 -38.59 -15.77
C ASP B 195 -23.89 -37.42 -15.17
N VAL B 196 -22.59 -37.63 -14.98
CA VAL B 196 -21.71 -36.60 -14.44
C VAL B 196 -21.58 -35.42 -15.41
N LEU B 197 -21.37 -35.71 -16.70
CA LEU B 197 -21.32 -34.63 -17.69
C LEU B 197 -22.52 -33.72 -17.59
N LEU B 198 -23.70 -34.31 -17.50
CA LEU B 198 -24.96 -33.57 -17.38
C LEU B 198 -25.01 -32.74 -16.09
N ALA B 199 -24.65 -33.38 -14.98
CA ALA B 199 -24.62 -32.76 -13.67
C ALA B 199 -23.67 -31.57 -13.66
N ALA B 200 -22.63 -31.66 -14.47
CA ALA B 200 -21.60 -30.64 -14.54
C ALA B 200 -22.05 -29.31 -15.12
N GLN B 201 -22.95 -29.31 -16.11
CA GLN B 201 -23.32 -28.03 -16.71
C GLN B 201 -24.50 -27.35 -16.04
N ALA B 202 -25.11 -28.06 -15.10
CA ALA B 202 -26.10 -27.47 -14.20
C ALA B 202 -25.41 -26.69 -13.07
N ALA B 203 -24.08 -26.64 -13.10
CA ALA B 203 -23.33 -26.06 -12.00
C ALA B 203 -23.59 -24.58 -11.89
N ASP B 204 -23.60 -24.06 -10.68
CA ASP B 204 -23.84 -22.64 -10.45
C ASP B 204 -22.58 -21.77 -10.65
N VAL B 205 -21.43 -22.35 -10.34
CA VAL B 205 -20.14 -21.69 -10.45
C VAL B 205 -19.12 -22.70 -10.93
N ALA B 206 -18.20 -22.28 -11.80
CA ALA B 206 -17.09 -23.14 -12.20
C ALA B 206 -15.75 -22.52 -11.79
N ILE B 207 -14.77 -23.37 -11.51
CA ILE B 207 -13.44 -22.92 -11.13
C ILE B 207 -12.41 -23.70 -11.91
N VAL B 208 -11.64 -23.00 -12.74
CA VAL B 208 -10.62 -23.63 -13.60
C VAL B 208 -9.26 -22.97 -13.47
N GLY B 209 -8.21 -23.67 -13.93
CA GLY B 209 -6.88 -23.09 -14.12
C GLY B 209 -6.60 -22.96 -15.60
N ILE B 210 -5.69 -22.07 -15.99
CA ILE B 210 -5.37 -21.86 -17.41
C ILE B 210 -3.97 -22.36 -17.69
N GLY B 211 -3.81 -23.08 -18.80
CA GLY B 211 -2.51 -23.58 -19.24
C GLY B 211 -1.98 -22.78 -20.39
N ALA B 212 -0.66 -22.81 -20.57
CA ALA B 212 -0.01 -22.09 -21.67
C ALA B 212 0.74 -23.07 -22.55
N VAL B 213 1.13 -22.63 -23.74
CA VAL B 213 1.83 -23.51 -24.67
C VAL B 213 3.32 -23.15 -24.82
N GLY B 225 1.97 -35.08 -17.69
CA GLY B 225 1.95 -34.88 -19.14
C GLY B 225 0.98 -35.84 -19.83
N TYR B 226 -0.04 -35.28 -20.47
CA TYR B 226 -0.98 -36.09 -21.26
C TYR B 226 -0.82 -35.78 -22.75
N ILE B 227 0.16 -34.92 -23.05
CA ILE B 227 0.47 -34.49 -24.40
C ILE B 227 1.95 -34.74 -24.65
N SER B 228 2.29 -35.24 -25.83
CA SER B 228 3.68 -35.41 -26.19
C SER B 228 4.32 -34.07 -26.60
N GLN B 229 5.64 -33.99 -26.54
CA GLN B 229 6.34 -32.78 -26.97
C GLN B 229 6.01 -32.43 -28.42
N GLY B 230 5.76 -33.46 -29.22
CA GLY B 230 5.40 -33.28 -30.62
C GLY B 230 4.03 -32.65 -30.79
N GLU B 231 3.03 -33.25 -30.15
CA GLU B 231 1.67 -32.73 -30.20
C GLU B 231 1.63 -31.26 -29.80
N GLN B 232 2.32 -30.92 -28.71
CA GLN B 232 2.35 -29.55 -28.25
C GLN B 232 2.97 -28.59 -29.29
N LEU B 233 4.08 -28.99 -29.89
CA LEU B 233 4.72 -28.19 -30.92
C LEU B 233 3.75 -27.89 -32.05
N MET B 234 3.03 -28.92 -32.49
CA MET B 234 2.06 -28.78 -33.55
C MET B 234 0.88 -27.93 -33.13
N ILE B 235 0.40 -28.13 -31.90
CA ILE B 235 -0.68 -27.33 -31.37
C ILE B 235 -0.24 -25.87 -31.37
N GLY B 236 1.03 -25.62 -31.02
CA GLY B 236 1.60 -24.29 -31.15
C GLY B 236 1.56 -23.76 -32.59
N ARG B 237 1.89 -24.64 -33.55
CA ARG B 237 1.89 -24.28 -34.97
C ARG B 237 0.50 -23.91 -35.48
N LYS B 238 -0.52 -24.72 -35.17
CA LYS B 238 -1.92 -24.43 -35.53
C LYS B 238 -2.43 -23.17 -34.83
N GLY B 239 -1.59 -22.58 -33.96
CA GLY B 239 -1.86 -21.27 -33.38
C GLY B 239 -2.46 -21.23 -31.99
N ALA B 240 -2.24 -22.26 -31.19
CA ALA B 240 -2.75 -22.27 -29.83
C ALA B 240 -1.89 -21.41 -28.92
N VAL B 241 -2.56 -20.79 -27.95
CA VAL B 241 -1.92 -19.86 -27.06
C VAL B 241 -2.05 -20.38 -25.62
N GLY B 242 -3.19 -21.00 -25.33
CA GLY B 242 -3.41 -21.62 -24.04
C GLY B 242 -4.49 -22.67 -24.12
N ASP B 243 -4.71 -23.36 -23.00
CA ASP B 243 -5.82 -24.30 -22.89
C ASP B 243 -6.54 -24.16 -21.55
N ILE B 244 -7.84 -24.44 -21.59
CA ILE B 244 -8.64 -24.70 -20.39
C ILE B 244 -9.19 -26.12 -20.54
N LEU B 245 -9.10 -26.90 -19.47
CA LEU B 245 -9.60 -28.28 -19.43
C LEU B 245 -9.04 -29.17 -20.55
N GLY B 246 -7.86 -28.83 -21.03
CA GLY B 246 -7.24 -29.55 -22.13
C GLY B 246 -7.59 -29.03 -23.51
N TYR B 247 -8.55 -28.10 -23.59
CA TYR B 247 -8.97 -27.47 -24.85
C TYR B 247 -8.17 -26.20 -25.15
N PHE B 248 -7.58 -26.16 -26.34
CA PHE B 248 -6.71 -25.05 -26.74
C PHE B 248 -7.45 -24.01 -27.57
N PHE B 249 -7.11 -22.76 -27.33
CA PHE B 249 -7.67 -21.63 -28.06
C PHE B 249 -6.57 -20.70 -28.55
N ASP B 250 -6.89 -19.88 -29.54
CA ASP B 250 -5.92 -18.94 -30.12
C ASP B 250 -5.95 -17.63 -29.35
N ALA B 251 -5.09 -16.68 -29.75
CA ALA B 251 -5.00 -15.37 -29.08
C ALA B 251 -6.32 -14.57 -29.11
N LYS B 252 -7.19 -14.89 -30.08
CA LYS B 252 -8.53 -14.29 -30.16
C LYS B 252 -9.54 -14.95 -29.23
N GLY B 253 -9.13 -16.01 -28.55
CA GLY B 253 -10.02 -16.75 -27.68
C GLY B 253 -10.95 -17.72 -28.40
N ASP B 254 -10.74 -17.89 -29.71
CA ASP B 254 -11.47 -18.91 -30.44
C ASP B 254 -10.82 -20.24 -30.09
N VAL B 255 -11.66 -21.26 -30.02
CA VAL B 255 -11.16 -22.60 -29.78
C VAL B 255 -10.49 -23.06 -31.08
N VAL B 256 -9.23 -23.49 -30.97
CA VAL B 256 -8.46 -23.93 -32.13
C VAL B 256 -9.09 -25.16 -32.78
N THR B 257 -9.16 -25.14 -34.10
CA THR B 257 -9.75 -26.25 -34.83
C THR B 257 -8.68 -27.08 -35.60
N ASN B 258 -8.99 -28.34 -35.89
CA ASN B 258 -8.02 -29.27 -36.47
C ASN B 258 -7.02 -29.74 -35.42
N ILE B 259 -7.50 -29.89 -34.19
CA ILE B 259 -6.70 -30.48 -33.12
C ILE B 259 -7.36 -31.82 -32.79
N LYS B 260 -6.58 -32.89 -32.83
CA LYS B 260 -7.11 -34.24 -32.57
C LYS B 260 -7.52 -34.42 -31.13
N ILE B 261 -6.64 -33.97 -30.24
CA ILE B 261 -6.84 -34.02 -28.79
C ILE B 261 -8.27 -33.64 -28.38
N HIS B 262 -8.90 -32.72 -29.10
CA HIS B 262 -10.22 -32.23 -28.69
C HIS B 262 -11.30 -33.29 -28.73
N ASN B 263 -11.20 -34.18 -29.71
CA ASN B 263 -12.18 -35.25 -29.82
C ASN B 263 -11.88 -36.41 -28.89
N GLU B 264 -10.64 -36.46 -28.39
CA GLU B 264 -10.17 -37.52 -27.51
C GLU B 264 -10.42 -37.19 -26.05
N LEU B 265 -10.84 -35.96 -25.78
CA LEU B 265 -11.05 -35.51 -24.42
C LEU B 265 -12.38 -35.96 -23.86
N ILE B 266 -12.37 -36.39 -22.60
CA ILE B 266 -13.60 -36.70 -21.87
C ILE B 266 -13.81 -35.60 -20.85
N GLY B 267 -14.83 -34.77 -21.09
CA GLY B 267 -15.06 -33.58 -20.27
C GLY B 267 -16.03 -32.63 -20.94
N LEU B 268 -16.52 -31.66 -20.17
CA LEU B 268 -17.45 -30.64 -20.66
C LEU B 268 -16.76 -29.72 -21.66
N PRO B 269 -17.30 -29.61 -22.88
CA PRO B 269 -16.65 -28.75 -23.87
C PRO B 269 -16.76 -27.25 -23.55
N LEU B 270 -15.72 -26.49 -23.90
CA LEU B 270 -15.64 -25.08 -23.61
C LEU B 270 -16.88 -24.25 -23.98
N SER B 271 -17.59 -24.64 -25.01
CA SER B 271 -18.90 -24.03 -25.27
C SER B 271 -19.88 -24.32 -24.12
N ALA B 272 -20.02 -25.59 -23.73
CA ALA B 272 -20.86 -25.96 -22.59
C ALA B 272 -20.34 -25.36 -21.27
N LEU B 273 -19.05 -25.05 -21.20
CA LEU B 273 -18.50 -24.42 -20.00
C LEU B 273 -19.05 -23.02 -19.87
N LYS B 274 -18.98 -22.26 -20.97
CA LYS B 274 -19.48 -20.89 -21.05
C LYS B 274 -20.93 -20.78 -20.60
N THR B 275 -21.63 -21.91 -20.62
CA THR B 275 -23.02 -21.94 -20.21
C THR B 275 -23.21 -21.79 -18.69
N ILE B 276 -22.13 -21.88 -17.91
CA ILE B 276 -22.20 -21.70 -16.46
C ILE B 276 -22.10 -20.21 -16.12
N PRO B 277 -23.05 -19.67 -15.30
CA PRO B 277 -23.19 -18.22 -15.10
C PRO B 277 -21.89 -17.54 -14.67
N VAL B 278 -21.35 -17.93 -13.51
CA VAL B 278 -20.08 -17.38 -13.05
C VAL B 278 -18.98 -18.45 -13.15
N ARG B 279 -17.88 -18.13 -13.81
CA ARG B 279 -16.83 -19.12 -13.97
C ARG B 279 -15.43 -18.51 -13.85
N VAL B 280 -14.72 -18.91 -12.80
CA VAL B 280 -13.53 -18.22 -12.33
C VAL B 280 -12.23 -18.93 -12.68
N GLY B 281 -11.26 -18.17 -13.15
CA GLY B 281 -9.94 -18.69 -13.46
C GLY B 281 -8.93 -18.34 -12.39
N VAL B 282 -8.04 -19.28 -12.09
CA VAL B 282 -6.90 -19.07 -11.22
C VAL B 282 -5.64 -19.33 -12.03
N ALA B 283 -4.77 -18.31 -12.14
CA ALA B 283 -3.57 -18.44 -12.96
C ALA B 283 -2.38 -17.57 -12.54
N GLY B 284 -1.18 -18.12 -12.70
CA GLY B 284 0.02 -17.57 -12.08
C GLY B 284 1.12 -17.04 -12.97
N GLY B 285 1.85 -17.95 -13.63
CA GLY B 285 3.12 -17.62 -14.32
C GLY B 285 3.23 -16.30 -15.10
N GLU B 286 4.44 -15.77 -15.20
CA GLU B 286 4.70 -14.62 -16.09
C GLU B 286 4.21 -14.97 -17.52
N ASN B 287 4.80 -16.05 -18.04
CA ASN B 287 4.47 -16.75 -19.30
C ASN B 287 2.99 -16.94 -19.63
N LYS B 288 2.15 -16.94 -18.60
CA LYS B 288 0.73 -17.22 -18.76
C LYS B 288 -0.12 -16.05 -19.26
N ALA B 289 0.50 -14.89 -19.46
CA ALA B 289 -0.22 -13.67 -19.82
C ALA B 289 -1.02 -13.79 -21.11
N GLU B 290 -0.35 -14.06 -22.22
CA GLU B 290 -1.01 -14.33 -23.51
C GLU B 290 -2.23 -15.25 -23.36
N ALA B 291 -1.99 -16.39 -22.69
CA ALA B 291 -3.00 -17.39 -22.43
C ALA B 291 -4.23 -16.84 -21.70
N ILE B 292 -4.04 -16.26 -20.52
CA ILE B 292 -5.15 -15.72 -19.72
C ILE B 292 -5.95 -14.68 -20.51
N ALA B 293 -5.26 -13.69 -21.07
CA ALA B 293 -5.89 -12.69 -21.96
C ALA B 293 -6.86 -13.36 -22.94
N ALA B 294 -6.33 -14.30 -23.71
CA ALA B 294 -7.14 -15.04 -24.69
C ALA B 294 -8.36 -15.72 -24.07
N ALA B 295 -8.21 -16.24 -22.85
CA ALA B 295 -9.25 -16.99 -22.16
C ALA B 295 -10.45 -16.13 -21.76
N MET B 296 -10.23 -14.84 -21.57
CA MET B 296 -11.36 -13.97 -21.30
C MET B 296 -11.86 -13.27 -22.55
N LYS B 297 -11.07 -13.29 -23.62
CA LYS B 297 -11.54 -12.79 -24.91
C LYS B 297 -12.53 -13.79 -25.44
N GLY B 298 -12.25 -15.06 -25.24
CA GLY B 298 -13.17 -16.13 -25.60
C GLY B 298 -14.35 -16.31 -24.65
N GLY B 299 -14.30 -15.61 -23.53
CA GLY B 299 -15.37 -15.63 -22.53
C GLY B 299 -15.43 -16.92 -21.70
N TYR B 300 -14.34 -17.68 -21.69
CA TYR B 300 -14.33 -18.91 -20.94
C TYR B 300 -14.30 -18.68 -19.43
N ILE B 301 -13.80 -17.51 -19.02
CA ILE B 301 -13.94 -17.07 -17.65
C ILE B 301 -14.48 -15.65 -17.62
N ASN B 302 -15.32 -15.36 -16.61
CA ASN B 302 -15.73 -13.99 -16.36
C ASN B 302 -15.32 -13.55 -14.97
N ALA B 303 -14.44 -14.33 -14.36
CA ALA B 303 -13.82 -13.94 -13.11
C ALA B 303 -12.36 -14.39 -13.08
N LEU B 304 -11.48 -13.57 -12.52
CA LEU B 304 -10.07 -13.92 -12.50
C LEU B 304 -9.40 -13.73 -11.13
N VAL B 305 -8.50 -14.65 -10.80
CA VAL B 305 -7.59 -14.52 -9.67
C VAL B 305 -6.20 -14.75 -10.16
N THR B 306 -5.38 -13.71 -10.09
CA THR B 306 -4.03 -13.74 -10.63
C THR B 306 -3.09 -12.96 -9.70
N ASP B 307 -1.82 -12.91 -10.04
CA ASP B 307 -0.87 -12.10 -9.28
C ASP B 307 -0.45 -10.88 -10.08
N GLN B 308 -0.03 -9.86 -9.34
CA GLN B 308 0.32 -8.55 -9.88
C GLN B 308 1.30 -8.59 -11.04
N ASP B 309 2.34 -9.41 -10.93
CA ASP B 309 3.31 -9.58 -12.02
C ASP B 309 2.64 -10.01 -13.32
N THR B 310 1.61 -10.86 -13.20
CA THR B 310 0.91 -11.41 -14.38
C THR B 310 -0.08 -10.40 -14.94
N ALA B 311 -0.75 -9.69 -14.03
CA ALA B 311 -1.67 -8.64 -14.42
C ALA B 311 -0.94 -7.62 -15.29
N ALA B 312 0.28 -7.25 -14.87
CA ALA B 312 1.12 -6.31 -15.59
C ALA B 312 1.37 -6.81 -17.00
N ALA B 313 1.96 -8.00 -17.09
CA ALA B 313 2.19 -8.67 -18.38
C ALA B 313 0.94 -8.72 -19.27
N ILE B 314 -0.19 -9.15 -18.69
CA ILE B 314 -1.46 -9.17 -19.40
C ILE B 314 -1.77 -7.78 -19.94
N LEU B 315 -1.68 -6.78 -19.07
CA LEU B 315 -2.06 -5.43 -19.46
C LEU B 315 -1.10 -4.83 -20.48
N ARG B 316 0.19 -5.18 -20.39
CA ARG B 316 1.18 -4.71 -21.37
C ARG B 316 0.95 -5.27 -22.78
N SER B 317 0.29 -6.43 -22.86
CA SER B 317 0.04 -7.10 -24.14
C SER B 317 -1.17 -6.53 -24.90
N LEU B 318 -1.60 -5.31 -24.54
CA LEU B 318 -2.78 -4.66 -25.16
C LEU B 318 -2.46 -3.29 -25.79
C1 GOL C . 13.37 18.20 20.71
O1 GOL C . 12.61 19.41 20.70
C2 GOL C . 14.84 18.42 20.35
O2 GOL C . 15.41 19.47 21.10
C3 GOL C . 14.99 18.76 18.86
O3 GOL C . 16.33 18.68 18.41
C1 GOL D . -4.56 -26.03 -16.37
O1 GOL D . -3.51 -26.66 -15.66
C2 GOL D . -5.11 -26.97 -17.45
O2 GOL D . -4.33 -26.85 -18.62
C3 GOL D . -6.54 -26.58 -17.81
O3 GOL D . -7.30 -26.19 -16.67
#